data_7X86
#
_entry.id   7X86
#
_cell.length_a   180.980
_cell.length_b   88.810
_cell.length_c   50.770
_cell.angle_alpha   90.000
_cell.angle_beta   92.730
_cell.angle_gamma   90.000
#
_symmetry.space_group_name_H-M   'C 1 2 1'
#
loop_
_entity.id
_entity.type
_entity.pdbx_description
1 polymer PloI4
2 non-polymer (4S,4aS,6aR,8R,9R,10aS,13S,14aS,18aR,18bR,E)-9-ethyl-4,8,19-trihydroxy-10a,12,13,18a-tetramethyl-2,3,4,4a,6a,7,8,9,10,10a,13,14,18a,18b-tetradecahydro-14a,17-(metheno)benzo[b]naphtho[2,1-h][1]azacyclododecine-16,18(1H,15H)-dione
3 water water
#
_entity_poly.entity_id   1
_entity_poly.type   'polypeptide(L)'
_entity_poly.pdbx_seq_one_letter_code
;MSTVTTINLEDIKEICHTTIRLGGKPESGEAAELPIFLGSSVEFEDELYDADGTQIGTAKGTSVIFAEADGTVMQIVSAF
DDYTDGGRVTWSGAYTMFPTDEPKSVPAQGVSGRYRGLSGTRTLQLLERPDPGTSLIRSSLVLNG
;
_entity_poly.pdbx_strand_id   A,B,C,D
#
# COMPACT_ATOMS: atom_id res chain seq x y z
N MET A 1 1.04 -17.78 8.12
CA MET A 1 1.89 -16.69 8.58
C MET A 1 1.31 -15.34 8.18
N SER A 2 1.92 -14.25 8.69
CA SER A 2 1.51 -12.89 8.38
C SER A 2 2.73 -12.11 7.90
N THR A 3 3.20 -12.44 6.70
CA THR A 3 4.49 -11.99 6.21
C THR A 3 4.32 -11.21 4.92
N VAL A 4 4.97 -10.04 4.85
CA VAL A 4 4.89 -9.20 3.67
C VAL A 4 5.90 -9.68 2.63
N THR A 5 5.44 -9.80 1.39
CA THR A 5 6.29 -10.12 0.25
C THR A 5 6.43 -8.89 -0.62
N THR A 6 7.66 -8.59 -1.05
CA THR A 6 7.95 -7.37 -1.79
C THR A 6 8.71 -7.66 -3.07
N ILE A 7 8.50 -6.80 -4.06
CA ILE A 7 9.29 -6.75 -5.28
C ILE A 7 9.84 -5.34 -5.42
N ASN A 8 11.10 -5.22 -5.84
CA ASN A 8 11.74 -3.91 -5.93
C ASN A 8 12.71 -3.93 -7.10
N LEU A 9 12.27 -3.42 -8.25
CA LEU A 9 13.12 -3.26 -9.42
C LEU A 9 13.49 -1.79 -9.54
N GLU A 10 14.79 -1.49 -9.45
CA GLU A 10 15.29 -0.13 -9.54
C GLU A 10 16.26 0.00 -10.71
N ASP A 11 16.41 1.25 -11.17
CA ASP A 11 17.35 1.59 -12.24
C ASP A 11 17.11 0.75 -13.49
N ILE A 12 15.86 0.71 -13.93
CA ILE A 12 15.51 0.07 -15.18
C ILE A 12 15.79 1.04 -16.32
N LYS A 13 16.52 0.56 -17.33
CA LYS A 13 16.71 1.32 -18.57
C LYS A 13 15.57 0.95 -19.50
N GLU A 14 14.68 1.89 -19.76
CA GLU A 14 13.46 1.65 -20.51
C GLU A 14 13.51 2.43 -21.82
N ILE A 15 13.57 1.73 -22.93
CA ILE A 15 13.60 2.35 -24.26
C ILE A 15 12.18 2.35 -24.81
N CYS A 16 11.65 3.54 -25.04
CA CYS A 16 10.23 3.77 -25.23
C CYS A 16 9.98 4.37 -26.61
N HIS A 17 9.16 3.68 -27.41
CA HIS A 17 8.84 4.12 -28.77
C HIS A 17 7.45 4.74 -28.76
N THR A 18 7.38 6.03 -29.09
CA THR A 18 6.18 6.83 -28.89
C THR A 18 5.54 7.16 -30.24
N THR A 19 4.23 6.96 -30.32
CA THR A 19 3.42 7.36 -31.47
C THR A 19 2.47 8.46 -30.97
N ILE A 20 2.74 9.69 -31.39
CA ILE A 20 2.14 10.87 -30.77
C ILE A 20 1.07 11.45 -31.69
N ARG A 21 -0.04 11.87 -31.08
CA ARG A 21 -1.13 12.54 -31.79
C ARG A 21 -1.43 13.87 -31.11
N LEU A 22 -1.72 14.88 -31.91
CA LEU A 22 -1.91 16.24 -31.40
C LEU A 22 -3.25 16.41 -30.70
N GLY A 23 -4.30 15.79 -31.22
CA GLY A 23 -5.63 16.00 -30.68
C GLY A 23 -6.25 17.29 -31.19
N GLY A 24 -7.27 17.74 -30.47
CA GLY A 24 -7.93 19.00 -30.78
C GLY A 24 -9.41 18.79 -31.08
N LYS A 25 -9.92 19.61 -32.00
CA LYS A 25 -11.32 19.55 -32.37
C LYS A 25 -11.57 18.34 -33.27
N PRO A 26 -12.57 17.51 -32.98
CA PRO A 26 -12.97 16.46 -33.93
C PRO A 26 -13.76 17.09 -35.07
N GLU A 27 -13.29 16.89 -36.30
CA GLU A 27 -13.87 17.56 -37.45
C GLU A 27 -14.51 16.59 -38.42
N SER A 28 -15.05 15.48 -37.90
CA SER A 28 -15.78 14.52 -38.70
C SER A 28 -16.48 13.54 -37.76
N GLY A 29 -17.67 13.10 -38.16
CA GLY A 29 -18.36 12.05 -37.46
C GLY A 29 -19.22 12.54 -36.31
N GLU A 30 -19.61 11.56 -35.48
CA GLU A 30 -20.47 11.83 -34.34
C GLU A 30 -19.84 12.81 -33.36
N ALA A 31 -18.51 12.81 -33.26
CA ALA A 31 -17.84 13.65 -32.27
C ALA A 31 -17.89 15.13 -32.65
N ALA A 32 -17.97 15.45 -33.93
CA ALA A 32 -17.99 16.83 -34.37
C ALA A 32 -19.28 17.55 -34.01
N GLU A 33 -20.32 16.82 -33.62
CA GLU A 33 -21.59 17.42 -33.22
C GLU A 33 -21.65 17.74 -31.73
N LEU A 34 -20.52 17.67 -31.03
CA LEU A 34 -20.47 17.86 -29.59
C LEU A 34 -19.28 18.76 -29.25
N PRO A 35 -19.34 19.46 -28.10
CA PRO A 35 -18.28 20.40 -27.72
C PRO A 35 -17.13 19.73 -26.97
N ILE A 36 -16.59 18.66 -27.52
CA ILE A 36 -15.54 17.89 -26.87
C ILE A 36 -14.21 18.13 -27.58
N PHE A 37 -13.13 17.91 -26.84
CA PHE A 37 -11.78 18.04 -27.36
C PHE A 37 -11.04 16.72 -27.18
N LEU A 38 -10.39 16.27 -28.25
CA LEU A 38 -9.50 15.12 -28.16
C LEU A 38 -8.17 15.58 -27.59
N GLY A 39 -7.78 15.01 -26.46
CA GLY A 39 -6.50 15.35 -25.87
C GLY A 39 -5.33 14.84 -26.69
N SER A 40 -4.20 15.51 -26.56
CA SER A 40 -2.96 14.99 -27.11
C SER A 40 -2.60 13.70 -26.39
N SER A 41 -2.30 12.66 -27.18
CA SER A 41 -2.10 11.34 -26.64
C SER A 41 -0.82 10.73 -27.21
N VAL A 42 -0.32 9.71 -26.52
CA VAL A 42 0.85 8.96 -27.00
C VAL A 42 0.60 7.49 -26.72
N GLU A 43 0.85 6.66 -27.72
CA GLU A 43 0.76 5.21 -27.57
C GLU A 43 2.18 4.64 -27.70
N PHE A 44 2.65 4.00 -26.63
CA PHE A 44 4.05 3.61 -26.54
C PHE A 44 4.18 2.10 -26.38
N GLU A 45 5.30 1.58 -26.87
CA GLU A 45 5.71 0.21 -26.65
C GLU A 45 7.18 0.22 -26.25
N ASP A 46 7.47 -0.33 -25.07
CA ASP A 46 8.78 -0.17 -24.45
C ASP A 46 9.49 -1.51 -24.34
N GLU A 47 10.81 -1.44 -24.25
CA GLU A 47 11.66 -2.54 -23.84
C GLU A 47 12.34 -2.16 -22.54
N LEU A 48 12.43 -3.11 -21.62
CA LEU A 48 12.93 -2.87 -20.28
C LEU A 48 14.20 -3.68 -20.04
N TYR A 49 15.25 -3.01 -19.59
CA TYR A 49 16.53 -3.63 -19.32
C TYR A 49 16.95 -3.31 -17.89
N ASP A 50 17.63 -4.25 -17.25
CA ASP A 50 18.26 -3.94 -15.98
C ASP A 50 19.63 -3.30 -16.23
N ALA A 51 20.23 -2.79 -15.15
CA ALA A 51 21.50 -2.08 -15.27
C ALA A 51 22.57 -2.92 -15.96
N ASP A 52 22.50 -4.24 -15.81
CA ASP A 52 23.51 -5.10 -16.40
C ASP A 52 23.41 -5.19 -17.93
N GLY A 53 22.27 -4.82 -18.53
CA GLY A 53 22.12 -4.85 -19.96
C GLY A 53 21.22 -5.95 -20.49
N THR A 54 20.75 -6.86 -19.65
CA THR A 54 19.85 -7.92 -20.10
C THR A 54 18.40 -7.47 -20.00
N GLN A 55 17.62 -7.75 -21.05
CA GLN A 55 16.23 -7.34 -21.09
C GLN A 55 15.40 -8.09 -20.06
N ILE A 56 14.50 -7.37 -19.40
CA ILE A 56 13.66 -7.95 -18.36
C ILE A 56 12.17 -7.86 -18.68
N GLY A 57 11.78 -7.22 -19.78
CA GLY A 57 10.38 -7.24 -20.14
C GLY A 57 10.04 -6.20 -21.20
N THR A 58 8.73 -6.03 -21.39
CA THR A 58 8.17 -5.05 -22.30
C THR A 58 7.00 -4.34 -21.61
N ALA A 59 6.66 -3.17 -22.13
CA ALA A 59 5.51 -2.41 -21.65
C ALA A 59 4.74 -1.86 -22.84
N LYS A 60 3.45 -1.64 -22.64
CA LYS A 60 2.58 -1.15 -23.70
C LYS A 60 1.44 -0.37 -23.05
N GLY A 61 1.15 0.82 -23.57
CA GLY A 61 0.13 1.62 -22.93
C GLY A 61 -0.18 2.89 -23.69
N THR A 62 -1.08 3.67 -23.10
CA THR A 62 -1.58 4.91 -23.66
C THR A 62 -1.56 5.98 -22.57
N SER A 63 -1.32 7.23 -22.97
CA SER A 63 -1.39 8.36 -22.06
C SER A 63 -1.98 9.56 -22.79
N VAL A 64 -2.88 10.28 -22.12
CA VAL A 64 -3.59 11.41 -22.70
C VAL A 64 -3.48 12.62 -21.78
N ILE A 65 -3.30 13.79 -22.39
CA ILE A 65 -3.13 15.04 -21.66
C ILE A 65 -4.50 15.63 -21.34
N PHE A 66 -4.67 16.09 -20.10
CA PHE A 66 -5.87 16.79 -19.70
C PHE A 66 -5.47 17.80 -18.62
N ALA A 67 -6.47 18.42 -18.01
CA ALA A 67 -6.25 19.41 -16.97
C ALA A 67 -7.29 19.24 -15.88
N GLU A 68 -6.88 19.54 -14.64
CA GLU A 68 -7.77 19.54 -13.49
C GLU A 68 -8.31 20.93 -13.22
N ALA A 69 -9.19 21.04 -12.21
CA ALA A 69 -9.99 22.25 -12.03
C ALA A 69 -9.13 23.49 -11.89
N ASP A 70 -8.05 23.42 -11.12
CA ASP A 70 -7.17 24.56 -10.95
C ASP A 70 -6.36 24.87 -12.20
N GLY A 71 -6.47 24.07 -13.26
CA GLY A 71 -5.73 24.31 -14.47
C GLY A 71 -4.37 23.64 -14.53
N THR A 72 -4.03 22.79 -13.57
CA THR A 72 -2.79 22.04 -13.64
C THR A 72 -2.87 21.02 -14.77
N VAL A 73 -1.96 21.12 -15.72
CA VAL A 73 -1.95 20.20 -16.85
C VAL A 73 -1.51 18.83 -16.38
N MET A 74 -2.29 17.81 -16.74
CA MET A 74 -2.04 16.45 -16.28
C MET A 74 -2.02 15.50 -17.46
N GLN A 75 -1.45 14.33 -17.21
CA GLN A 75 -1.59 13.17 -18.08
C GLN A 75 -2.24 12.05 -17.29
N ILE A 76 -2.99 11.21 -17.99
CA ILE A 76 -3.52 9.98 -17.44
C ILE A 76 -2.98 8.82 -18.28
N VAL A 77 -2.39 7.85 -17.61
CA VAL A 77 -1.74 6.74 -18.31
C VAL A 77 -2.43 5.44 -17.93
N SER A 78 -2.46 4.51 -18.88
CA SER A 78 -2.94 3.16 -18.65
C SER A 78 -2.02 2.23 -19.41
N ALA A 79 -1.27 1.39 -18.69
CA ALA A 79 -0.29 0.52 -19.32
C ALA A 79 -0.17 -0.77 -18.52
N PHE A 80 0.62 -1.69 -19.07
CA PHE A 80 0.94 -2.93 -18.39
C PHE A 80 2.36 -3.35 -18.79
N ASP A 81 3.02 -4.04 -17.86
CA ASP A 81 4.32 -4.63 -18.10
C ASP A 81 4.18 -6.13 -18.28
N ASP A 82 5.02 -6.70 -19.14
CA ASP A 82 5.14 -8.14 -19.29
C ASP A 82 6.61 -8.50 -19.15
N TYR A 83 6.93 -9.27 -18.12
CA TYR A 83 8.32 -9.50 -17.73
C TYR A 83 8.81 -10.85 -18.25
N THR A 84 10.14 -10.97 -18.32
CA THR A 84 10.73 -12.16 -18.91
C THR A 84 10.53 -13.39 -18.03
N ASP A 85 10.37 -13.19 -16.71
CA ASP A 85 10.09 -14.34 -15.85
C ASP A 85 8.66 -14.84 -15.96
N GLY A 86 7.80 -14.19 -16.75
CA GLY A 86 6.48 -14.67 -17.05
C GLY A 86 5.34 -13.81 -16.53
N GLY A 87 5.55 -13.03 -15.48
CA GLY A 87 4.45 -12.32 -14.85
C GLY A 87 4.07 -11.03 -15.56
N ARG A 88 2.99 -10.42 -15.04
CA ARG A 88 2.39 -9.25 -15.66
C ARG A 88 2.04 -8.23 -14.59
N VAL A 89 2.25 -6.95 -14.90
CA VAL A 89 2.01 -5.86 -13.96
C VAL A 89 1.31 -4.75 -14.73
N THR A 90 0.11 -4.38 -14.29
CA THR A 90 -0.58 -3.23 -14.85
C THR A 90 -0.26 -1.99 -14.03
N TRP A 91 -0.30 -0.83 -14.68
CA TRP A 91 -0.15 0.43 -13.96
C TRP A 91 -0.92 1.52 -14.69
N SER A 92 -1.49 2.44 -13.91
CA SER A 92 -2.35 3.47 -14.46
C SER A 92 -2.57 4.53 -13.40
N GLY A 93 -2.89 5.73 -13.84
CA GLY A 93 -3.19 6.82 -12.94
C GLY A 93 -2.91 8.15 -13.61
N ALA A 94 -3.15 9.21 -12.85
CA ALA A 94 -2.92 10.58 -13.28
C ALA A 94 -1.70 11.14 -12.57
N TYR A 95 -1.01 12.08 -13.22
CA TYR A 95 0.20 12.68 -12.69
C TYR A 95 0.40 14.02 -13.34
N THR A 96 0.95 14.97 -12.58
CA THR A 96 1.20 16.31 -13.10
C THR A 96 2.24 16.27 -14.21
N MET A 97 1.95 16.96 -15.31
CA MET A 97 2.85 16.90 -16.46
C MET A 97 4.11 17.73 -16.25
N PHE A 98 4.02 18.86 -15.54
CA PHE A 98 5.19 19.70 -15.42
C PHE A 98 5.73 19.69 -13.99
N PRO A 99 7.06 19.66 -13.80
CA PRO A 99 8.08 19.62 -14.86
C PRO A 99 8.17 18.26 -15.55
N THR A 100 8.53 18.28 -16.84
CA THR A 100 8.56 17.06 -17.63
C THR A 100 9.76 16.17 -17.36
N ASP A 101 10.75 16.65 -16.59
CA ASP A 101 11.93 15.86 -16.30
C ASP A 101 11.93 15.24 -14.91
N GLU A 102 10.95 15.57 -14.07
CA GLU A 102 10.84 14.96 -12.77
C GLU A 102 10.28 13.55 -12.90
N PRO A 103 10.55 12.68 -11.93
CA PRO A 103 9.98 11.32 -11.97
C PRO A 103 8.48 11.35 -11.72
N LYS A 104 7.73 10.66 -12.57
CA LYS A 104 6.30 10.50 -12.43
C LYS A 104 5.98 9.09 -11.92
N SER A 105 4.91 8.99 -11.13
CA SER A 105 4.57 7.76 -10.43
C SER A 105 3.08 7.53 -10.44
N VAL A 106 2.67 6.30 -10.75
CA VAL A 106 1.27 5.90 -10.72
C VAL A 106 1.16 4.55 -10.03
N PRO A 107 -0.03 4.20 -9.55
CA PRO A 107 -0.18 2.90 -8.87
C PRO A 107 -0.02 1.75 -9.84
N ALA A 108 0.54 0.65 -9.33
CA ALA A 108 0.77 -0.55 -10.12
C ALA A 108 0.20 -1.76 -9.38
N GLN A 109 -0.20 -2.77 -10.15
CA GLN A 109 -0.75 -4.00 -9.62
C GLN A 109 -0.11 -5.18 -10.33
N GLY A 110 0.50 -6.08 -9.57
CA GLY A 110 0.91 -7.35 -10.13
C GLY A 110 -0.29 -8.25 -10.32
N VAL A 111 -0.42 -8.83 -11.50
CA VAL A 111 -1.61 -9.61 -11.84
C VAL A 111 -1.31 -11.08 -12.09
N SER A 112 -0.06 -11.45 -12.40
CA SER A 112 0.26 -12.84 -12.65
C SER A 112 1.73 -13.09 -12.31
N GLY A 113 2.11 -14.36 -12.34
CA GLY A 113 3.47 -14.73 -11.99
C GLY A 113 3.78 -14.35 -10.55
N ARG A 114 5.06 -14.06 -10.31
CA ARG A 114 5.50 -13.71 -8.97
C ARG A 114 4.97 -12.37 -8.49
N TYR A 115 4.30 -11.61 -9.36
CA TYR A 115 3.79 -10.29 -8.99
C TYR A 115 2.37 -10.33 -8.47
N ARG A 116 1.66 -11.45 -8.65
CA ARG A 116 0.24 -11.54 -8.33
C ARG A 116 -0.02 -11.19 -6.87
N GLY A 117 -1.08 -10.42 -6.63
CA GLY A 117 -1.48 -10.05 -5.30
C GLY A 117 -0.68 -8.94 -4.65
N LEU A 118 0.31 -8.39 -5.34
CA LEU A 118 1.13 -7.31 -4.82
C LEU A 118 0.81 -6.02 -5.56
N SER A 119 0.78 -4.90 -4.83
CA SER A 119 0.47 -3.61 -5.41
C SER A 119 1.45 -2.58 -4.87
N GLY A 120 1.57 -1.47 -5.60
CA GLY A 120 2.52 -0.44 -5.24
C GLY A 120 2.60 0.67 -6.27
N THR A 121 3.82 0.92 -6.77
CA THR A 121 4.09 2.11 -7.56
C THR A 121 5.01 1.77 -8.72
N ARG A 122 4.67 2.27 -9.91
CA ARG A 122 5.56 2.26 -11.06
C ARG A 122 5.98 3.70 -11.35
N THR A 123 7.28 3.92 -11.45
CA THR A 123 7.85 5.26 -11.56
C THR A 123 8.65 5.36 -12.86
N LEU A 124 8.47 6.48 -13.58
CA LEU A 124 9.18 6.72 -14.83
C LEU A 124 9.78 8.12 -14.83
N GLN A 125 11.01 8.23 -15.33
CA GLN A 125 11.71 9.51 -15.41
C GLN A 125 12.34 9.66 -16.78
N LEU A 126 11.96 10.71 -17.50
CA LEU A 126 12.49 10.94 -18.84
C LEU A 126 13.90 11.49 -18.77
N LEU A 127 14.82 10.84 -19.47
CA LEU A 127 16.23 11.26 -19.52
C LEU A 127 16.59 11.92 -20.84
N GLU A 128 16.08 11.43 -21.96
CA GLU A 128 16.44 11.96 -23.27
C GLU A 128 15.29 11.75 -24.25
N ARG A 129 15.29 12.56 -25.30
CA ARG A 129 14.43 12.37 -26.47
CA ARG A 129 14.43 12.36 -26.47
C ARG A 129 15.34 12.40 -27.70
N PRO A 130 16.07 11.32 -27.96
CA PRO A 130 17.05 11.33 -29.06
C PRO A 130 16.44 11.57 -30.43
N ASP A 131 15.16 11.27 -30.61
CA ASP A 131 14.44 11.58 -31.83
C ASP A 131 12.96 11.68 -31.49
N PRO A 132 12.14 12.29 -32.37
CA PRO A 132 10.71 12.43 -32.06
C PRO A 132 9.99 11.12 -31.76
N GLY A 133 10.58 9.96 -32.05
CA GLY A 133 9.90 8.71 -31.81
C GLY A 133 10.47 7.86 -30.69
N THR A 134 11.46 8.36 -29.96
CA THR A 134 12.14 7.54 -28.98
C THR A 134 12.30 8.28 -27.66
N SER A 135 11.95 7.62 -26.56
CA SER A 135 12.23 8.10 -25.22
C SER A 135 13.22 7.18 -24.54
N LEU A 136 14.18 7.77 -23.83
CA LEU A 136 15.05 7.04 -22.93
C LEU A 136 14.65 7.40 -21.51
N ILE A 137 14.36 6.39 -20.70
CA ILE A 137 13.69 6.56 -19.42
C ILE A 137 14.40 5.74 -18.35
N ARG A 138 14.47 6.31 -17.15
CA ARG A 138 14.89 5.59 -15.96
CA ARG A 138 14.89 5.59 -15.96
C ARG A 138 13.65 5.27 -15.12
N SER A 139 13.43 4.00 -14.83
CA SER A 139 12.18 3.60 -14.22
C SER A 139 12.43 2.64 -13.06
N SER A 140 11.37 2.42 -12.28
CA SER A 140 11.40 1.54 -11.12
C SER A 140 10.01 0.99 -10.87
N LEU A 141 9.96 -0.20 -10.28
CA LEU A 141 8.70 -0.84 -9.90
C LEU A 141 8.82 -1.36 -8.48
N VAL A 142 7.91 -0.93 -7.61
CA VAL A 142 7.86 -1.39 -6.23
C VAL A 142 6.46 -1.95 -5.98
N LEU A 143 6.41 -3.14 -5.39
CA LEU A 143 5.15 -3.79 -5.04
C LEU A 143 5.31 -4.52 -3.71
N ASN A 144 4.25 -4.54 -2.92
CA ASN A 144 4.25 -5.28 -1.66
C ASN A 144 2.84 -5.81 -1.42
N GLY A 145 2.74 -6.75 -0.47
CA GLY A 145 1.47 -7.35 -0.13
C GLY A 145 1.58 -8.69 0.57
N SER B 2 -6.65 12.67 -9.41
CA SER B 2 -5.94 11.71 -8.58
C SER B 2 -4.44 11.83 -8.80
N THR B 3 -3.67 11.44 -7.79
CA THR B 3 -2.22 11.55 -7.83
C THR B 3 -1.65 10.79 -6.65
N VAL B 4 -0.58 10.05 -6.90
CA VAL B 4 0.13 9.31 -5.87
C VAL B 4 1.27 10.16 -5.33
N THR B 5 1.40 10.19 -4.00
CA THR B 5 2.57 10.72 -3.34
C THR B 5 3.41 9.54 -2.86
N THR B 6 4.65 9.44 -3.33
CA THR B 6 5.50 8.31 -3.02
C THR B 6 6.83 8.77 -2.44
N ILE B 7 7.44 7.90 -1.64
CA ILE B 7 8.78 8.06 -1.12
C ILE B 7 9.53 6.76 -1.35
N ASN B 8 10.77 6.85 -1.83
CA ASN B 8 11.54 5.67 -2.20
C ASN B 8 13.00 5.93 -1.82
N LEU B 9 13.44 5.32 -0.73
CA LEU B 9 14.82 5.40 -0.27
C LEU B 9 15.50 4.07 -0.54
N GLU B 10 16.56 4.10 -1.34
CA GLU B 10 17.25 2.89 -1.74
C GLU B 10 18.71 2.95 -1.32
N ASP B 11 19.32 1.76 -1.21
CA ASP B 11 20.74 1.60 -0.93
C ASP B 11 21.14 2.29 0.37
N ILE B 12 20.25 2.25 1.36
CA ILE B 12 20.57 2.78 2.68
C ILE B 12 21.62 1.92 3.35
N LYS B 13 22.69 2.55 3.80
CA LYS B 13 23.66 1.90 4.68
C LYS B 13 23.18 2.10 6.11
N GLU B 14 22.82 1.01 6.77
CA GLU B 14 22.30 1.05 8.13
C GLU B 14 23.29 0.35 9.05
N ILE B 15 23.75 1.07 10.07
CA ILE B 15 24.70 0.57 11.04
C ILE B 15 23.94 0.33 12.34
N CYS B 16 23.81 -0.95 12.70
CA CYS B 16 22.92 -1.42 13.75
C CYS B 16 23.76 -1.88 14.93
N HIS B 17 23.67 -1.16 16.06
CA HIS B 17 24.34 -1.56 17.28
C HIS B 17 23.40 -2.40 18.12
N THR B 18 23.78 -3.65 18.35
CA THR B 18 22.87 -4.65 18.88
C THR B 18 23.16 -4.93 20.36
N THR B 19 22.08 -5.10 21.13
CA THR B 19 22.15 -5.49 22.53
C THR B 19 21.24 -6.70 22.71
N ILE B 20 21.84 -7.87 22.90
CA ILE B 20 21.16 -9.15 22.72
C ILE B 20 20.98 -9.83 24.07
N ARG B 21 19.79 -10.40 24.28
CA ARG B 21 19.50 -11.26 25.42
C ARG B 21 19.13 -12.65 24.92
N LEU B 22 19.56 -13.67 25.67
CA LEU B 22 19.28 -15.05 25.28
C LEU B 22 17.86 -15.48 25.64
N GLY B 23 17.30 -14.92 26.70
CA GLY B 23 16.00 -15.38 27.14
C GLY B 23 16.09 -16.75 27.78
N GLY B 24 14.94 -17.43 27.81
CA GLY B 24 14.85 -18.74 28.41
C GLY B 24 13.75 -18.83 29.44
N LYS B 25 13.93 -19.69 30.44
CA LYS B 25 12.97 -19.77 31.52
C LYS B 25 13.12 -18.57 32.45
N PRO B 26 12.03 -17.93 32.85
CA PRO B 26 12.13 -16.84 33.84
C PRO B 26 12.58 -17.39 35.17
N GLU B 27 13.56 -16.73 35.79
CA GLU B 27 14.20 -17.26 36.98
C GLU B 27 13.69 -16.65 38.28
N SER B 28 12.81 -15.64 38.22
CA SER B 28 12.33 -15.01 39.43
C SER B 28 11.09 -14.19 39.11
N GLY B 29 10.32 -13.90 40.15
CA GLY B 29 9.20 -12.98 40.06
C GLY B 29 7.88 -13.67 39.74
N GLU B 30 6.91 -12.84 39.35
CA GLU B 30 5.62 -13.35 38.91
C GLU B 30 5.77 -14.30 37.74
N ALA B 31 6.70 -14.01 36.83
CA ALA B 31 6.88 -14.84 35.65
C ALA B 31 7.45 -16.20 36.00
N ALA B 32 8.14 -16.31 37.14
CA ALA B 32 8.77 -17.58 37.51
C ALA B 32 7.73 -18.66 37.74
N GLU B 33 6.65 -18.34 38.44
CA GLU B 33 5.60 -19.33 38.68
C GLU B 33 4.93 -19.76 37.37
N LEU B 34 4.83 -18.86 36.41
CA LEU B 34 4.15 -19.17 35.16
C LEU B 34 5.02 -20.05 34.27
N PRO B 35 4.40 -20.85 33.41
CA PRO B 35 5.18 -21.72 32.52
C PRO B 35 5.62 -21.03 31.23
N ILE B 36 5.75 -19.71 31.27
CA ILE B 36 6.05 -18.93 30.08
C ILE B 36 7.54 -19.03 29.75
N PHE B 37 7.91 -18.59 28.54
CA PHE B 37 9.29 -18.58 28.09
C PHE B 37 9.64 -17.19 27.59
N LEU B 38 10.86 -16.76 27.91
CA LEU B 38 11.37 -15.47 27.44
C LEU B 38 12.09 -15.69 26.11
N GLY B 39 11.58 -15.06 25.06
CA GLY B 39 12.22 -15.17 23.76
C GLY B 39 13.54 -14.42 23.71
N SER B 40 14.45 -14.95 22.90
CA SER B 40 15.68 -14.20 22.61
C SER B 40 15.31 -12.90 21.92
N SER B 41 15.87 -11.79 22.43
CA SER B 41 15.51 -10.47 21.95
C SER B 41 16.77 -9.67 21.61
N VAL B 42 16.59 -8.65 20.77
CA VAL B 42 17.63 -7.68 20.48
C VAL B 42 17.00 -6.29 20.55
N GLU B 43 17.63 -5.40 21.31
CA GLU B 43 17.32 -3.98 21.28
C GLU B 43 18.41 -3.29 20.48
N PHE B 44 18.02 -2.46 19.52
CA PHE B 44 18.99 -1.92 18.57
C PHE B 44 18.79 -0.42 18.38
N GLU B 45 19.90 0.26 18.12
CA GLU B 45 19.92 1.68 17.78
C GLU B 45 20.78 1.83 16.53
N ASP B 46 20.21 2.40 15.48
CA ASP B 46 20.84 2.41 14.17
C ASP B 46 21.14 3.83 13.69
N GLU B 47 22.18 3.94 12.87
CA GLU B 47 22.47 5.13 12.10
C GLU B 47 22.28 4.81 10.62
N LEU B 48 21.50 5.65 9.93
CA LEU B 48 21.15 5.44 8.54
C LEU B 48 21.86 6.47 7.66
N TYR B 49 22.50 5.99 6.59
CA TYR B 49 23.20 6.84 5.64
C TYR B 49 22.71 6.53 4.23
N ASP B 50 22.74 7.54 3.37
CA ASP B 50 22.50 7.30 1.95
C ASP B 50 23.81 6.86 1.30
N ALA B 51 23.73 6.53 0.00
CA ALA B 51 24.87 5.92 -0.68
C ALA B 51 26.09 6.83 -0.68
N ASP B 52 25.88 8.14 -0.82
CA ASP B 52 26.99 9.08 -0.82
C ASP B 52 27.68 9.18 0.53
N GLY B 53 27.03 8.75 1.60
CA GLY B 53 27.61 8.80 2.93
C GLY B 53 27.00 9.83 3.86
N THR B 54 25.94 10.52 3.46
CA THR B 54 25.30 11.51 4.31
C THR B 54 24.32 10.81 5.25
N GLN B 55 24.46 11.03 6.56
CA GLN B 55 23.51 10.46 7.50
C GLN B 55 22.12 11.02 7.23
N ILE B 56 21.16 10.13 7.01
CA ILE B 56 19.79 10.54 6.73
C ILE B 56 18.84 10.30 7.89
N GLY B 57 19.28 9.64 8.95
CA GLY B 57 18.43 9.52 10.12
C GLY B 57 18.98 8.51 11.12
N THR B 58 18.10 8.12 12.03
CA THR B 58 18.40 7.13 13.06
C THR B 58 17.21 6.18 13.16
N ALA B 59 17.46 5.03 13.77
CA ALA B 59 16.43 4.01 13.97
C ALA B 59 16.64 3.35 15.33
N LYS B 60 15.55 2.88 15.92
CA LYS B 60 15.59 2.30 17.26
C LYS B 60 14.39 1.38 17.43
N GLY B 61 14.62 0.18 17.96
CA GLY B 61 13.53 -0.75 18.12
C GLY B 61 13.98 -2.02 18.82
N THR B 62 13.05 -2.98 18.87
CA THR B 62 13.27 -4.27 19.51
C THR B 62 12.69 -5.36 18.63
N SER B 63 13.38 -6.50 18.57
CA SER B 63 12.88 -7.69 17.89
C SER B 63 12.97 -8.88 18.83
N VAL B 64 11.98 -9.76 18.74
CA VAL B 64 11.90 -10.93 19.62
C VAL B 64 11.59 -12.17 18.79
N ILE B 65 12.29 -13.26 19.08
CA ILE B 65 12.15 -14.51 18.34
C ILE B 65 10.95 -15.28 18.88
N PHE B 66 10.20 -15.91 17.97
CA PHE B 66 9.13 -16.83 18.32
C PHE B 66 8.95 -17.79 17.16
N ALA B 67 7.91 -18.63 17.23
CA ALA B 67 7.61 -19.57 16.16
C ALA B 67 6.10 -19.63 15.99
N GLU B 68 5.69 -20.11 14.82
CA GLU B 68 4.28 -20.29 14.52
C GLU B 68 3.93 -21.77 14.57
N ALA B 69 2.65 -22.07 14.35
CA ALA B 69 2.13 -23.41 14.60
C ALA B 69 2.92 -24.48 13.85
N ASP B 70 3.25 -24.22 12.59
CA ASP B 70 3.99 -25.21 11.81
C ASP B 70 5.46 -25.31 12.21
N GLY B 71 5.93 -24.43 13.09
CA GLY B 71 7.29 -24.50 13.60
C GLY B 71 8.27 -23.59 12.92
N THR B 72 7.84 -22.81 11.92
CA THR B 72 8.73 -21.85 11.29
C THR B 72 9.17 -20.81 12.31
N VAL B 73 10.48 -20.69 12.50
CA VAL B 73 11.01 -19.69 13.42
C VAL B 73 10.79 -18.31 12.85
N MET B 74 10.22 -17.41 13.66
CA MET B 74 9.85 -16.08 13.24
C MET B 74 10.48 -15.04 14.16
N GLN B 75 10.40 -13.80 13.72
CA GLN B 75 10.75 -12.64 14.54
C GLN B 75 9.64 -11.61 14.43
N ILE B 76 9.39 -10.90 15.53
CA ILE B 76 8.47 -9.78 15.55
C ILE B 76 9.24 -8.54 15.97
N VAL B 77 9.08 -7.46 15.21
CA VAL B 77 9.85 -6.24 15.43
C VAL B 77 8.89 -5.07 15.63
N SER B 78 9.27 -4.16 16.51
CA SER B 78 8.62 -2.87 16.66
C SER B 78 9.70 -1.81 16.74
N ALA B 79 9.72 -0.90 15.76
CA ALA B 79 10.80 0.06 15.64
C ALA B 79 10.26 1.34 15.02
N PHE B 80 11.14 2.31 14.85
CA PHE B 80 10.81 3.55 14.16
C PHE B 80 12.09 4.19 13.67
N ASP B 81 11.96 5.06 12.66
CA ASP B 81 13.06 5.85 12.15
C ASP B 81 12.78 7.33 12.43
N ASP B 82 13.86 8.07 12.73
CA ASP B 82 13.82 9.53 12.82
C ASP B 82 14.75 10.06 11.74
N TYR B 83 14.18 10.70 10.73
CA TYR B 83 14.95 11.14 9.59
C TYR B 83 15.43 12.58 9.78
N THR B 84 16.51 12.92 9.07
CA THR B 84 17.15 14.22 9.27
C THR B 84 16.30 15.39 8.82
N ASP B 85 15.30 15.15 7.97
CA ASP B 85 14.41 16.21 7.52
C ASP B 85 13.25 16.47 8.47
N GLY B 86 13.20 15.76 9.60
CA GLY B 86 12.23 16.04 10.65
C GLY B 86 11.11 15.04 10.78
N GLY B 87 10.97 14.09 9.85
CA GLY B 87 9.88 13.14 9.90
C GLY B 87 10.21 11.90 10.72
N ARG B 88 9.17 11.14 11.03
CA ARG B 88 9.30 9.89 11.77
C ARG B 88 8.45 8.82 11.09
N VAL B 89 9.00 7.63 10.94
CA VAL B 89 8.30 6.50 10.33
C VAL B 89 8.39 5.31 11.26
N THR B 90 7.25 4.79 11.68
CA THR B 90 7.23 3.56 12.45
C THR B 90 7.14 2.37 11.51
N TRP B 91 7.67 1.23 11.97
CA TRP B 91 7.53 -0.01 11.23
C TRP B 91 7.51 -1.17 12.22
N SER B 92 6.70 -2.18 11.90
CA SER B 92 6.51 -3.32 12.78
C SER B 92 5.87 -4.45 12.01
N GLY B 93 6.07 -5.67 12.48
CA GLY B 93 5.53 -6.84 11.82
C GLY B 93 6.35 -8.07 12.16
N ALA B 94 6.05 -9.15 11.43
CA ALA B 94 6.71 -10.43 11.61
C ALA B 94 7.32 -10.87 10.28
N TYR B 95 8.37 -11.69 10.38
CA TYR B 95 9.10 -12.16 9.22
C TYR B 95 9.86 -13.42 9.60
N THR B 96 10.16 -14.24 8.60
CA THR B 96 10.85 -15.51 8.81
C THR B 96 12.33 -15.27 9.05
N MET B 97 12.88 -15.95 10.07
CA MET B 97 14.27 -15.72 10.43
C MET B 97 15.24 -16.34 9.44
N PHE B 98 14.87 -17.44 8.80
CA PHE B 98 15.84 -18.13 7.98
C PHE B 98 15.47 -18.09 6.51
N PRO B 99 16.44 -17.89 5.60
CA PRO B 99 17.86 -17.69 5.95
C PRO B 99 18.15 -16.28 6.49
N THR B 100 19.25 -16.16 7.24
CA THR B 100 19.57 -14.92 7.94
C THR B 100 20.15 -13.84 7.03
N ASP B 101 20.56 -14.18 5.80
CA ASP B 101 21.16 -13.21 4.91
C ASP B 101 20.21 -12.71 3.83
N GLU B 102 18.95 -13.14 3.85
CA GLU B 102 17.98 -12.66 2.88
C GLU B 102 17.31 -11.39 3.39
N PRO B 103 16.77 -10.57 2.49
CA PRO B 103 16.12 -9.33 2.93
C PRO B 103 14.80 -9.60 3.63
N LYS B 104 14.56 -8.87 4.72
CA LYS B 104 13.34 -8.99 5.52
C LYS B 104 12.54 -7.70 5.40
N SER B 105 11.21 -7.84 5.33
CA SER B 105 10.31 -6.72 5.07
C SER B 105 9.14 -6.74 6.03
N VAL B 106 8.87 -5.60 6.67
CA VAL B 106 7.68 -5.42 7.51
C VAL B 106 6.99 -4.14 7.07
N PRO B 107 5.70 -4.00 7.34
CA PRO B 107 4.98 -2.79 6.95
C PRO B 107 5.45 -1.57 7.73
N ALA B 108 5.36 -0.41 7.10
CA ALA B 108 5.80 0.85 7.67
C ALA B 108 4.70 1.89 7.56
N GLN B 109 4.71 2.83 8.50
CA GLN B 109 3.70 3.89 8.56
C GLN B 109 4.40 5.23 8.77
N GLY B 110 4.28 6.11 7.78
CA GLY B 110 4.81 7.46 7.94
C GLY B 110 3.98 8.24 8.94
N VAL B 111 4.64 8.84 9.93
CA VAL B 111 3.96 9.42 11.08
C VAL B 111 3.97 10.94 11.03
N SER B 112 5.08 11.55 10.64
CA SER B 112 5.17 13.00 10.63
C SER B 112 6.14 13.44 9.53
N GLY B 113 6.22 14.76 9.34
CA GLY B 113 7.03 15.27 8.25
C GLY B 113 6.41 14.95 6.90
N ARG B 114 7.25 14.83 5.88
CA ARG B 114 6.77 14.52 4.55
C ARG B 114 6.25 13.09 4.44
N TYR B 115 6.63 12.22 5.37
CA TYR B 115 6.21 10.83 5.36
C TYR B 115 4.78 10.64 5.86
N ARG B 116 4.18 11.65 6.48
CA ARG B 116 2.88 11.49 7.12
C ARG B 116 1.82 11.03 6.14
N GLY B 117 0.96 10.12 6.59
CA GLY B 117 -0.16 9.65 5.80
C GLY B 117 0.18 8.64 4.73
N LEU B 118 1.45 8.32 4.54
CA LEU B 118 1.88 7.33 3.56
C LEU B 118 2.23 6.03 4.27
N SER B 119 1.99 4.91 3.59
CA SER B 119 2.27 3.60 4.15
C SER B 119 2.97 2.74 3.12
N GLY B 120 3.68 1.71 3.59
CA GLY B 120 4.43 0.85 2.71
C GLY B 120 5.28 -0.18 3.43
N THR B 121 6.58 -0.20 3.13
CA THR B 121 7.43 -1.30 3.52
C THR B 121 8.82 -0.81 3.92
N ARG B 122 9.34 -1.35 5.02
CA ARG B 122 10.73 -1.17 5.42
C ARG B 122 11.46 -2.50 5.25
N THR B 123 12.56 -2.48 4.50
CA THR B 123 13.31 -3.70 4.17
C THR B 123 14.72 -3.61 4.71
N LEU B 124 15.20 -4.70 5.29
CA LEU B 124 16.53 -4.78 5.88
C LEU B 124 17.20 -6.08 5.47
N GLN B 125 18.44 -5.99 5.00
CA GLN B 125 19.23 -7.17 4.64
C GLN B 125 20.54 -7.11 5.39
N LEU B 126 20.82 -8.14 6.18
CA LEU B 126 22.06 -8.23 6.92
C LEU B 126 23.20 -8.60 5.98
N LEU B 127 24.27 -7.80 6.01
CA LEU B 127 25.44 -8.02 5.15
C LEU B 127 26.63 -8.57 5.91
N GLU B 128 26.90 -8.07 7.11
CA GLU B 128 28.07 -8.46 7.89
CA GLU B 128 28.02 -8.56 7.89
C GLU B 128 27.78 -8.23 9.36
N ARG B 129 28.47 -8.98 10.22
CA ARG B 129 28.45 -8.75 11.66
C ARG B 129 29.91 -8.69 12.09
N PRO B 130 30.56 -7.54 11.91
CA PRO B 130 32.01 -7.46 12.17
C PRO B 130 32.38 -7.68 13.63
N ASP B 131 31.41 -7.60 14.55
CA ASP B 131 31.63 -7.97 15.94
C ASP B 131 30.26 -8.24 16.56
N PRO B 132 30.22 -8.91 17.73
CA PRO B 132 28.92 -9.29 18.31
C PRO B 132 28.01 -8.13 18.69
N GLY B 133 28.47 -6.90 18.49
CA GLY B 133 27.66 -5.75 18.84
C GLY B 133 27.15 -4.95 17.66
N THR B 134 27.59 -5.29 16.44
CA THR B 134 27.39 -4.44 15.28
C THR B 134 26.86 -5.25 14.10
N SER B 135 25.79 -4.74 13.48
CA SER B 135 25.26 -5.30 12.25
C SER B 135 25.36 -4.25 11.15
N LEU B 136 25.91 -4.64 10.01
CA LEU B 136 25.91 -3.81 8.81
C LEU B 136 24.80 -4.28 7.88
N ILE B 137 23.92 -3.36 7.51
CA ILE B 137 22.67 -3.68 6.83
C ILE B 137 22.50 -2.79 5.61
N ARG B 138 21.89 -3.34 4.57
CA ARG B 138 21.39 -2.56 3.44
C ARG B 138 19.88 -2.48 3.56
N SER B 139 19.34 -1.27 3.46
CA SER B 139 17.94 -1.02 3.77
C SER B 139 17.27 -0.25 2.65
N SER B 140 15.93 -0.29 2.66
CA SER B 140 15.12 0.52 1.77
C SER B 140 13.82 0.87 2.49
N LEU B 141 13.29 2.05 2.18
CA LEU B 141 11.99 2.48 2.65
C LEU B 141 11.13 2.82 1.44
N VAL B 142 9.92 2.28 1.39
CA VAL B 142 8.98 2.49 0.31
C VAL B 142 7.65 2.91 0.92
N LEU B 143 7.14 4.08 0.54
CA LEU B 143 5.87 4.58 1.04
C LEU B 143 5.09 5.20 -0.11
N ASN B 144 3.80 4.87 -0.19
CA ASN B 144 2.90 5.49 -1.14
C ASN B 144 1.60 5.82 -0.45
N GLY B 145 0.89 6.82 -0.96
CA GLY B 145 -0.36 7.24 -0.38
C GLY B 145 -1.05 8.34 -1.18
N VAL C 4 -10.33 -22.78 -7.87
CA VAL C 4 -10.22 -21.65 -8.77
C VAL C 4 -11.40 -20.69 -8.53
N THR C 5 -11.13 -19.60 -7.80
CA THR C 5 -12.17 -18.74 -7.27
C THR C 5 -12.63 -17.71 -8.30
N THR C 6 -13.95 -17.48 -8.34
CA THR C 6 -14.56 -16.55 -9.28
C THR C 6 -15.48 -15.60 -8.51
N ILE C 7 -15.16 -14.31 -8.53
CA ILE C 7 -16.03 -13.27 -8.01
C ILE C 7 -16.82 -12.69 -9.17
N ASN C 8 -18.14 -12.55 -8.98
CA ASN C 8 -19.03 -12.30 -10.11
C ASN C 8 -20.20 -11.43 -9.64
N LEU C 9 -19.95 -10.12 -9.56
CA LEU C 9 -20.97 -9.15 -9.20
C LEU C 9 -21.70 -8.69 -10.45
N GLU C 10 -23.00 -8.96 -10.53
CA GLU C 10 -23.80 -8.60 -11.68
C GLU C 10 -24.95 -7.69 -11.28
N ASP C 11 -25.44 -6.94 -12.26
CA ASP C 11 -26.57 -6.02 -12.10
C ASP C 11 -26.36 -5.08 -10.91
N ILE C 12 -25.18 -4.46 -10.89
CA ILE C 12 -24.88 -3.42 -9.91
C ILE C 12 -25.45 -2.10 -10.41
N LYS C 13 -26.06 -1.34 -9.51
CA LYS C 13 -26.63 -0.04 -9.82
C LYS C 13 -25.64 1.03 -9.36
N GLU C 14 -25.20 1.87 -10.29
CA GLU C 14 -24.12 2.82 -10.05
C GLU C 14 -24.64 4.23 -10.25
N ILE C 15 -24.78 4.98 -9.16
CA ILE C 15 -25.01 6.42 -9.23
C ILE C 15 -23.65 7.10 -9.37
N CYS C 16 -23.46 7.85 -10.44
CA CYS C 16 -22.16 8.41 -10.79
C CYS C 16 -22.26 9.92 -10.79
N HIS C 17 -21.49 10.57 -9.91
CA HIS C 17 -21.48 12.01 -9.76
C HIS C 17 -20.33 12.58 -10.61
N THR C 18 -20.68 13.36 -11.63
CA THR C 18 -19.78 13.66 -12.73
C THR C 18 -19.43 15.14 -12.73
N THR C 19 -18.13 15.44 -12.73
CA THR C 19 -17.62 16.80 -12.86
C THR C 19 -16.89 16.89 -14.21
N ILE C 20 -17.48 17.60 -15.16
CA ILE C 20 -17.03 17.59 -16.55
C ILE C 20 -16.25 18.86 -16.86
N ARG C 21 -15.16 18.70 -17.60
CA ARG C 21 -14.38 19.81 -18.12
C ARG C 21 -14.07 19.54 -19.59
N LEU C 22 -14.47 20.46 -20.46
CA LEU C 22 -14.30 20.26 -21.90
C LEU C 22 -12.85 20.43 -22.36
N GLY C 23 -12.00 21.05 -21.55
CA GLY C 23 -10.62 21.25 -21.96
C GLY C 23 -10.52 22.18 -23.15
N GLY C 24 -9.55 21.92 -24.02
CA GLY C 24 -9.34 22.67 -25.22
C GLY C 24 -7.87 23.04 -25.36
N LYS C 25 -7.64 24.13 -26.08
CA LYS C 25 -6.28 24.62 -26.29
C LYS C 25 -5.82 25.39 -25.06
N PRO C 26 -4.72 25.00 -24.43
CA PRO C 26 -4.21 25.80 -23.30
C PRO C 26 -3.85 27.20 -23.74
N GLU C 27 -4.29 28.19 -22.96
CA GLU C 27 -4.10 29.59 -23.31
C GLU C 27 -3.05 30.30 -22.46
N SER C 28 -2.66 29.74 -21.31
CA SER C 28 -1.56 30.31 -20.55
C SER C 28 -0.85 29.19 -19.81
N GLY C 29 0.39 29.47 -19.41
CA GLY C 29 1.19 28.51 -18.68
C GLY C 29 2.23 27.83 -19.54
N GLU C 30 2.88 26.83 -18.95
CA GLU C 30 3.91 26.09 -19.66
C GLU C 30 3.35 25.31 -20.84
N ALA C 31 2.06 24.95 -20.79
CA ALA C 31 1.48 24.17 -21.87
C ALA C 31 1.23 25.01 -23.11
N ALA C 32 1.07 26.33 -22.95
CA ALA C 32 0.72 27.19 -24.08
C ALA C 32 1.83 27.23 -25.11
N GLU C 33 3.08 26.99 -24.69
CA GLU C 33 4.23 27.03 -25.60
C GLU C 33 4.52 25.69 -26.25
N LEU C 34 3.60 24.74 -26.17
CA LEU C 34 3.86 23.39 -26.64
C LEU C 34 2.70 22.89 -27.50
N PRO C 35 2.97 21.95 -28.42
CA PRO C 35 1.89 21.35 -29.23
C PRO C 35 1.04 20.39 -28.40
N ILE C 36 0.10 20.97 -27.65
CA ILE C 36 -0.64 20.25 -26.63
C ILE C 36 -2.11 20.66 -26.70
N PHE C 37 -3.00 19.68 -26.60
CA PHE C 37 -4.42 19.91 -26.46
C PHE C 37 -4.93 19.22 -25.20
N LEU C 38 -5.74 19.93 -24.43
CA LEU C 38 -6.32 19.38 -23.20
C LEU C 38 -7.61 18.67 -23.56
N GLY C 39 -7.64 17.35 -23.38
CA GLY C 39 -8.84 16.59 -23.68
C GLY C 39 -9.96 16.87 -22.71
N SER C 40 -11.18 16.65 -23.17
CA SER C 40 -12.31 16.69 -22.26
C SER C 40 -12.18 15.58 -21.23
N SER C 41 -12.49 15.91 -19.98
CA SER C 41 -12.30 14.97 -18.88
C SER C 41 -13.53 14.97 -17.99
N VAL C 42 -13.66 13.89 -17.22
CA VAL C 42 -14.71 13.77 -16.23
C VAL C 42 -14.10 13.18 -14.95
N GLU C 43 -14.18 13.92 -13.86
CA GLU C 43 -13.89 13.39 -12.53
C GLU C 43 -15.19 12.85 -11.97
N PHE C 44 -15.21 11.57 -11.58
CA PHE C 44 -16.45 10.95 -11.15
C PHE C 44 -16.29 10.24 -9.81
N GLU C 45 -17.40 10.20 -9.07
CA GLU C 45 -17.46 9.68 -7.72
C GLU C 45 -18.76 8.89 -7.61
N ASP C 46 -18.67 7.57 -7.47
CA ASP C 46 -19.81 6.70 -7.63
C ASP C 46 -20.20 6.03 -6.31
N GLU C 47 -21.47 5.64 -6.24
CA GLU C 47 -22.01 4.77 -5.20
C GLU C 47 -22.52 3.51 -5.85
N LEU C 48 -22.18 2.36 -5.28
CA LEU C 48 -22.53 1.06 -5.84
C LEU C 48 -23.63 0.42 -4.99
N TYR C 49 -24.68 -0.07 -5.65
CA TYR C 49 -25.80 -0.71 -4.97
C TYR C 49 -26.07 -2.07 -5.61
N ASP C 50 -26.40 -3.05 -4.78
CA ASP C 50 -26.90 -4.31 -5.31
C ASP C 50 -28.37 -4.14 -5.69
N ALA C 51 -28.99 -5.24 -6.15
CA ALA C 51 -30.40 -5.17 -6.54
C ALA C 51 -31.28 -4.79 -5.35
N ASP C 52 -30.93 -5.26 -4.15
CA ASP C 52 -31.74 -5.02 -2.96
C ASP C 52 -31.75 -3.57 -2.52
N GLY C 53 -30.99 -2.69 -3.17
CA GLY C 53 -30.83 -1.33 -2.73
C GLY C 53 -29.82 -1.13 -1.62
N THR C 54 -28.97 -2.12 -1.36
CA THR C 54 -27.94 -2.01 -0.33
C THR C 54 -26.65 -1.52 -0.96
N GLN C 55 -26.00 -0.55 -0.32
CA GLN C 55 -24.75 0.01 -0.84
C GLN C 55 -23.64 -1.02 -0.69
N ILE C 56 -23.09 -1.48 -1.81
CA ILE C 56 -22.01 -2.46 -1.78
C ILE C 56 -20.63 -1.82 -1.91
N GLY C 57 -20.55 -0.53 -2.19
CA GLY C 57 -19.25 0.12 -2.24
C GLY C 57 -19.33 1.49 -2.90
N THR C 58 -18.15 2.03 -3.19
CA THR C 58 -17.97 3.33 -3.80
C THR C 58 -16.96 3.22 -4.94
N ALA C 59 -16.87 4.28 -5.73
CA ALA C 59 -15.94 4.31 -6.85
C ALA C 59 -15.44 5.74 -7.07
N LYS C 60 -14.21 5.84 -7.56
CA LYS C 60 -13.60 7.11 -7.90
C LYS C 60 -12.67 6.89 -9.08
N GLY C 61 -12.64 7.84 -10.02
CA GLY C 61 -11.75 7.74 -11.15
C GLY C 61 -11.88 8.95 -12.04
N THR C 62 -11.19 8.88 -13.18
CA THR C 62 -11.18 9.97 -14.15
C THR C 62 -11.07 9.39 -15.54
N SER C 63 -11.74 10.02 -16.50
CA SER C 63 -11.74 9.59 -17.89
C SER C 63 -11.53 10.79 -18.81
N VAL C 64 -10.71 10.61 -19.84
CA VAL C 64 -10.38 11.67 -20.79
C VAL C 64 -10.60 11.15 -22.21
N ILE C 65 -11.05 12.05 -23.09
CA ILE C 65 -11.35 11.73 -24.48
C ILE C 65 -10.10 11.88 -25.32
N PHE C 66 -9.93 10.99 -26.29
CA PHE C 66 -8.85 11.08 -27.27
C PHE C 66 -9.26 10.27 -28.50
N ALA C 67 -8.35 10.16 -29.46
CA ALA C 67 -8.55 9.36 -30.66
C ALA C 67 -7.33 8.48 -30.88
N GLU C 68 -7.56 7.24 -31.28
CA GLU C 68 -6.47 6.31 -31.53
C GLU C 68 -5.98 6.47 -32.98
N ALA C 69 -5.05 5.59 -33.38
CA ALA C 69 -4.29 5.81 -34.61
C ALA C 69 -5.19 5.90 -35.84
N ASP C 70 -6.36 5.27 -35.82
CA ASP C 70 -7.25 5.26 -36.98
C ASP C 70 -8.29 6.37 -36.95
N GLY C 71 -8.33 7.19 -35.91
CA GLY C 71 -9.27 8.29 -35.83
C GLY C 71 -10.54 7.99 -35.06
N THR C 72 -10.68 6.79 -34.51
CA THR C 72 -11.86 6.47 -33.72
C THR C 72 -11.81 7.21 -32.40
N VAL C 73 -12.93 7.84 -32.03
CA VAL C 73 -13.00 8.56 -30.76
C VAL C 73 -13.01 7.54 -29.62
N MET C 74 -12.10 7.72 -28.67
CA MET C 74 -11.93 6.80 -27.55
C MET C 74 -12.03 7.58 -26.25
N GLN C 75 -12.02 6.84 -25.15
CA GLN C 75 -11.82 7.39 -23.81
C GLN C 75 -10.85 6.50 -23.07
N ILE C 76 -10.03 7.10 -22.23
CA ILE C 76 -9.13 6.37 -21.34
C ILE C 76 -9.59 6.61 -19.91
N VAL C 77 -9.71 5.54 -19.14
CA VAL C 77 -10.18 5.63 -17.76
C VAL C 77 -9.15 5.00 -16.83
N SER C 78 -9.00 5.59 -15.65
CA SER C 78 -8.25 5.02 -14.55
C SER C 78 -9.10 5.20 -13.30
N ALA C 79 -9.38 4.11 -12.60
CA ALA C 79 -10.34 4.16 -11.51
C ALA C 79 -10.15 2.95 -10.60
N PHE C 80 -10.88 2.95 -9.49
CA PHE C 80 -10.90 1.83 -8.58
C PHE C 80 -12.23 1.81 -7.83
N ASP C 81 -12.58 0.64 -7.31
CA ASP C 81 -13.76 0.45 -6.48
C ASP C 81 -13.31 0.01 -5.10
N ASP C 82 -13.87 0.66 -4.06
CA ASP C 82 -13.69 0.25 -2.68
C ASP C 82 -15.00 -0.36 -2.20
N TYR C 83 -15.00 -1.67 -1.96
CA TYR C 83 -16.23 -2.40 -1.67
C TYR C 83 -16.48 -2.48 -0.18
N THR C 84 -17.77 -2.58 0.18
CA THR C 84 -18.16 -2.46 1.58
C THR C 84 -17.62 -3.61 2.43
N ASP C 85 -17.39 -4.79 1.83
CA ASP C 85 -16.95 -5.93 2.62
C ASP C 85 -15.45 -5.91 2.91
N GLY C 86 -14.68 -5.04 2.25
CA GLY C 86 -13.28 -4.89 2.62
C GLY C 86 -12.32 -4.48 1.52
N GLY C 87 -12.42 -5.09 0.35
CA GLY C 87 -11.37 -5.00 -0.64
C GLY C 87 -11.51 -3.85 -1.62
N ARG C 88 -10.42 -3.63 -2.37
CA ARG C 88 -10.35 -2.66 -3.45
C ARG C 88 -10.10 -3.37 -4.77
N VAL C 89 -10.74 -2.89 -5.83
CA VAL C 89 -10.52 -3.37 -7.18
C VAL C 89 -10.21 -2.18 -8.07
N THR C 90 -9.07 -2.21 -8.75
CA THR C 90 -8.73 -1.18 -9.72
C THR C 90 -9.17 -1.63 -11.10
N TRP C 91 -9.52 -0.65 -11.94
CA TRP C 91 -9.82 -0.94 -13.33
C TRP C 91 -9.42 0.26 -14.18
N SER C 92 -8.92 -0.04 -15.37
CA SER C 92 -8.37 1.01 -16.23
C SER C 92 -8.25 0.48 -17.66
N GLY C 93 -8.36 1.39 -18.60
CA GLY C 93 -8.19 1.03 -20.00
C GLY C 93 -8.92 2.00 -20.90
N ALA C 94 -8.86 1.69 -22.19
CA ALA C 94 -9.48 2.49 -23.24
C ALA C 94 -10.68 1.77 -23.81
N TYR C 95 -11.59 2.54 -24.40
CA TYR C 95 -12.80 2.00 -24.99
C TYR C 95 -13.38 3.01 -25.96
N THR C 96 -13.99 2.51 -27.03
CA THR C 96 -14.63 3.37 -28.01
C THR C 96 -15.71 4.21 -27.35
N MET C 97 -15.78 5.49 -27.74
CA MET C 97 -16.79 6.36 -27.15
C MET C 97 -18.16 6.13 -27.77
N PHE C 98 -18.21 5.86 -29.06
CA PHE C 98 -19.52 5.75 -29.69
C PHE C 98 -19.78 4.32 -30.14
N PRO C 99 -21.00 3.81 -29.96
CA PRO C 99 -22.15 4.53 -29.38
C PRO C 99 -22.07 4.71 -27.86
N THR C 100 -22.74 5.75 -27.36
CA THR C 100 -22.62 6.14 -25.96
C THR C 100 -23.50 5.34 -25.02
N ASP C 101 -24.52 4.65 -25.54
CA ASP C 101 -25.40 3.82 -24.73
C ASP C 101 -25.01 2.34 -24.78
N GLU C 102 -23.88 2.03 -25.40
CA GLU C 102 -23.30 0.70 -25.52
C GLU C 102 -22.60 0.31 -24.22
N PRO C 103 -22.58 -0.98 -23.88
CA PRO C 103 -21.81 -1.41 -22.71
C PRO C 103 -20.32 -1.29 -22.96
N LYS C 104 -19.60 -0.74 -21.97
CA LYS C 104 -18.17 -0.50 -22.06
C LYS C 104 -17.44 -1.33 -21.01
N SER C 105 -16.27 -1.84 -21.37
CA SER C 105 -15.53 -2.76 -20.51
C SER C 105 -14.05 -2.45 -20.54
N VAL C 106 -13.39 -2.59 -19.38
CA VAL C 106 -11.94 -2.46 -19.27
C VAL C 106 -11.43 -3.47 -18.26
N PRO C 107 -10.17 -3.87 -18.38
CA PRO C 107 -9.61 -4.86 -17.45
C PRO C 107 -9.59 -4.33 -16.02
N ALA C 108 -9.81 -5.25 -15.08
CA ALA C 108 -9.84 -4.94 -13.65
C ALA C 108 -8.89 -5.85 -12.90
N GLN C 109 -8.41 -5.36 -11.75
CA GLN C 109 -7.45 -6.09 -10.94
C GLN C 109 -7.83 -5.93 -9.47
N GLY C 110 -8.04 -7.05 -8.78
CA GLY C 110 -8.30 -7.02 -7.36
C GLY C 110 -7.01 -6.94 -6.59
N VAL C 111 -6.96 -6.05 -5.60
CA VAL C 111 -5.71 -5.73 -4.92
C VAL C 111 -5.76 -5.93 -3.41
N SER C 112 -6.93 -5.99 -2.79
CA SER C 112 -7.01 -6.19 -1.35
C SER C 112 -8.28 -6.96 -1.01
N GLY C 113 -8.40 -7.32 0.27
CA GLY C 113 -9.54 -8.08 0.72
C GLY C 113 -9.62 -9.43 0.03
N ARG C 114 -10.84 -9.87 -0.20
CA ARG C 114 -11.07 -11.16 -0.85
C ARG C 114 -10.85 -11.12 -2.36
N TYR C 115 -10.67 -9.93 -2.94
CA TYR C 115 -10.43 -9.79 -4.37
C TYR C 115 -8.95 -9.87 -4.73
N ARG C 116 -8.06 -9.84 -3.74
CA ARG C 116 -6.63 -9.74 -4.00
C ARG C 116 -6.13 -10.91 -4.84
N GLY C 117 -5.34 -10.59 -5.86
CA GLY C 117 -4.79 -11.61 -6.73
C GLY C 117 -5.72 -12.10 -7.81
N LEU C 118 -6.87 -11.45 -8.01
CA LEU C 118 -7.82 -11.83 -9.03
C LEU C 118 -7.92 -10.72 -10.06
N SER C 119 -8.07 -11.10 -11.33
CA SER C 119 -8.18 -10.15 -12.43
C SER C 119 -9.39 -10.49 -13.27
N GLY C 120 -9.78 -9.53 -14.12
CA GLY C 120 -10.94 -9.72 -14.97
C GLY C 120 -11.38 -8.47 -15.70
N THR C 121 -12.66 -8.14 -15.61
CA THR C 121 -13.25 -7.07 -16.41
C THR C 121 -14.32 -6.35 -15.62
N ARG C 122 -14.29 -5.02 -15.65
CA ARG C 122 -15.34 -4.18 -15.11
C ARG C 122 -16.12 -3.56 -16.26
N THR C 123 -17.44 -3.72 -16.23
CA THR C 123 -18.32 -3.27 -17.30
C THR C 123 -19.25 -2.18 -16.80
N LEU C 124 -19.57 -1.24 -17.69
CA LEU C 124 -20.47 -0.15 -17.38
C LEU C 124 -21.34 0.15 -18.60
N GLN C 125 -22.55 0.63 -18.35
CA GLN C 125 -23.48 0.98 -19.42
C GLN C 125 -24.38 2.11 -18.93
N LEU C 126 -24.33 3.24 -19.61
CA LEU C 126 -25.17 4.37 -19.24
C LEU C 126 -26.64 4.02 -19.46
N LEU C 127 -27.45 4.22 -18.42
CA LEU C 127 -28.89 4.05 -18.50
C LEU C 127 -29.63 5.37 -18.64
N GLU C 128 -29.29 6.34 -17.80
CA GLU C 128 -29.92 7.65 -17.82
C GLU C 128 -28.91 8.70 -17.39
N ARG C 129 -29.00 9.89 -17.99
CA ARG C 129 -28.18 11.04 -17.63
C ARG C 129 -29.13 12.17 -17.25
N PRO C 130 -29.64 12.17 -16.01
CA PRO C 130 -30.64 13.17 -15.63
C PRO C 130 -30.18 14.61 -15.80
N ASP C 131 -28.92 14.88 -15.50
CA ASP C 131 -28.37 16.23 -15.56
C ASP C 131 -26.87 16.13 -15.81
N PRO C 132 -26.15 17.24 -16.06
CA PRO C 132 -24.71 17.10 -16.34
C PRO C 132 -23.89 16.60 -15.16
N GLY C 133 -24.42 16.64 -13.94
CA GLY C 133 -23.68 16.22 -12.76
C GLY C 133 -24.03 14.85 -12.24
N THR C 134 -24.82 14.06 -12.97
CA THR C 134 -25.26 12.76 -12.49
C THR C 134 -25.49 11.82 -13.67
N SER C 135 -24.96 10.61 -13.56
CA SER C 135 -25.17 9.57 -14.56
C SER C 135 -25.60 8.28 -13.86
N LEU C 136 -26.51 7.55 -14.50
CA LEU C 136 -27.07 6.33 -13.95
C LEU C 136 -26.63 5.16 -14.81
N ILE C 137 -25.96 4.19 -14.19
CA ILE C 137 -25.27 3.11 -14.88
C ILE C 137 -25.60 1.79 -14.22
N ARG C 138 -25.73 0.74 -15.03
CA ARG C 138 -25.79 -0.64 -14.54
C ARG C 138 -24.45 -1.31 -14.83
N SER C 139 -23.88 -1.95 -13.82
CA SER C 139 -22.50 -2.42 -13.88
C SER C 139 -22.42 -3.91 -13.57
N SER C 140 -21.27 -4.48 -13.89
CA SER C 140 -20.95 -5.86 -13.55
C SER C 140 -19.45 -5.97 -13.36
N LEU C 141 -19.04 -6.88 -12.48
CA LEU C 141 -17.64 -7.13 -12.20
C LEU C 141 -17.41 -8.63 -12.19
N VAL C 142 -16.45 -9.08 -12.99
CA VAL C 142 -16.09 -10.49 -13.11
C VAL C 142 -14.60 -10.61 -12.85
N LEU C 143 -14.23 -11.41 -11.85
CA LEU C 143 -12.84 -11.59 -11.46
C LEU C 143 -12.52 -13.06 -11.39
N ASN C 144 -11.32 -13.43 -11.86
CA ASN C 144 -10.90 -14.81 -11.91
C ASN C 144 -9.47 -14.91 -11.38
N GLY C 145 -9.07 -16.13 -11.04
CA GLY C 145 -7.74 -16.39 -10.51
C GLY C 145 -7.50 -17.87 -10.31
N MET D 1 -2.87 20.11 9.16
CA MET D 1 -2.39 21.31 9.84
C MET D 1 -3.46 22.41 9.78
N SER D 2 -4.37 22.30 8.82
CA SER D 2 -5.48 23.24 8.75
C SER D 2 -6.43 23.04 9.92
N THR D 3 -6.73 21.78 10.25
CA THR D 3 -7.63 21.37 11.31
C THR D 3 -6.88 20.46 12.28
N VAL D 4 -7.23 20.54 13.56
CA VAL D 4 -6.74 19.62 14.58
C VAL D 4 -7.80 18.54 14.73
N THR D 5 -7.66 17.46 13.97
CA THR D 5 -8.60 16.36 13.98
C THR D 5 -8.24 15.41 15.11
N THR D 6 -9.19 15.18 16.02
CA THR D 6 -8.99 14.28 17.15
C THR D 6 -10.07 13.20 17.11
N ILE D 7 -9.65 11.96 17.00
CA ILE D 7 -10.54 10.81 17.14
C ILE D 7 -10.33 10.23 18.53
N ASN D 8 -11.43 10.02 19.26
CA ASN D 8 -11.39 9.51 20.62
C ASN D 8 -12.36 8.34 20.72
N LEU D 9 -11.83 7.12 20.69
CA LEU D 9 -12.64 5.92 20.85
C LEU D 9 -12.74 5.60 22.34
N GLU D 10 -13.97 5.52 22.82
CA GLU D 10 -14.28 5.57 24.26
C GLU D 10 -14.77 4.22 24.73
N ASP D 11 -14.12 3.68 25.76
CA ASP D 11 -14.49 2.43 26.43
C ASP D 11 -15.09 1.40 25.49
N ILE D 12 -14.30 0.92 24.54
CA ILE D 12 -14.72 -0.14 23.63
C ILE D 12 -14.62 -1.47 24.34
N LYS D 13 -15.52 -2.39 24.02
CA LYS D 13 -15.52 -3.73 24.59
C LYS D 13 -15.07 -4.70 23.50
N GLU D 14 -13.99 -5.42 23.78
CA GLU D 14 -13.29 -6.22 22.76
C GLU D 14 -13.36 -7.70 23.13
N ILE D 15 -13.98 -8.48 22.26
CA ILE D 15 -13.96 -9.94 22.37
C ILE D 15 -12.75 -10.43 21.59
N CYS D 16 -11.73 -10.91 22.30
CA CYS D 16 -10.43 -11.22 21.72
C CYS D 16 -10.19 -12.72 21.76
N HIS D 17 -10.04 -13.32 20.58
CA HIS D 17 -9.92 -14.78 20.44
C HIS D 17 -8.43 -15.11 20.33
N THR D 18 -7.86 -15.66 21.40
CA THR D 18 -6.43 -15.87 21.52
C THR D 18 -6.06 -17.31 21.15
N THR D 19 -4.86 -17.46 20.58
CA THR D 19 -4.24 -18.76 20.33
C THR D 19 -2.83 -18.68 20.91
N ILE D 20 -2.60 -19.39 22.02
CA ILE D 20 -1.36 -19.28 22.77
C ILE D 20 -0.42 -20.40 22.37
N ARG D 21 0.86 -20.08 22.25
CA ARG D 21 1.93 -21.05 22.09
C ARG D 21 3.04 -20.69 23.07
N LEU D 22 3.38 -21.63 23.96
CA LEU D 22 4.27 -21.32 25.06
C LEU D 22 5.74 -21.24 24.64
N GLY D 23 6.09 -21.78 23.48
CA GLY D 23 7.46 -21.69 23.01
C GLY D 23 8.43 -22.52 23.83
N GLY D 24 9.71 -22.16 23.72
CA GLY D 24 10.78 -22.76 24.48
C GLY D 24 11.99 -22.98 23.61
N LYS D 25 12.78 -23.97 23.99
CA LYS D 25 14.01 -24.28 23.29
C LYS D 25 13.72 -25.08 22.02
N PRO D 26 14.18 -24.63 20.85
CA PRO D 26 13.98 -25.41 19.63
C PRO D 26 14.75 -26.72 19.70
N GLU D 27 14.13 -27.79 19.20
CA GLU D 27 14.68 -29.14 19.28
C GLU D 27 15.34 -29.60 18.00
N SER D 28 14.87 -29.14 16.85
CA SER D 28 15.48 -29.48 15.57
C SER D 28 15.42 -28.26 14.67
N GLY D 29 15.92 -28.42 13.45
CA GLY D 29 15.98 -27.33 12.51
C GLY D 29 17.24 -26.51 12.66
N GLU D 30 17.27 -25.39 11.91
CA GLU D 30 18.44 -24.51 11.95
C GLU D 30 18.54 -23.76 13.26
N ALA D 31 17.42 -23.55 13.96
CA ALA D 31 17.45 -22.82 15.22
C ALA D 31 18.07 -23.63 16.35
N ALA D 32 18.26 -24.94 16.16
CA ALA D 32 18.73 -25.79 17.25
C ALA D 32 20.22 -25.63 17.51
N GLU D 33 21.01 -25.28 16.49
CA GLU D 33 22.45 -25.13 16.64
C GLU D 33 22.86 -23.67 16.85
N LEU D 34 21.91 -22.80 17.14
CA LEU D 34 22.16 -21.40 17.47
C LEU D 34 21.64 -21.11 18.89
N PRO D 35 22.19 -20.10 19.57
CA PRO D 35 21.70 -19.76 20.93
C PRO D 35 20.38 -18.99 20.90
N ILE D 36 19.29 -19.75 20.80
CA ILE D 36 17.98 -19.20 20.50
C ILE D 36 16.94 -19.81 21.43
N PHE D 37 16.03 -18.97 21.93
CA PHE D 37 14.85 -19.40 22.64
C PHE D 37 13.62 -18.79 22.00
N LEU D 38 12.55 -19.57 21.89
CA LEU D 38 11.30 -19.13 21.29
C LEU D 38 10.35 -18.67 22.40
N GLY D 39 9.98 -17.39 22.37
CA GLY D 39 9.12 -16.85 23.41
C GLY D 39 7.66 -17.23 23.24
N SER D 40 6.94 -17.17 24.36
CA SER D 40 5.50 -17.42 24.34
C SER D 40 4.79 -16.37 23.48
N SER D 41 3.85 -16.83 22.66
CA SER D 41 3.24 -15.99 21.63
C SER D 41 1.72 -16.04 21.72
N VAL D 42 1.09 -14.96 21.27
CA VAL D 42 -0.36 -14.86 21.17
C VAL D 42 -0.71 -14.34 19.78
N GLU D 43 -1.50 -15.11 19.04
CA GLU D 43 -2.08 -14.66 17.78
C GLU D 43 -3.58 -14.49 18.01
N PHE D 44 -4.07 -13.26 17.82
CA PHE D 44 -5.45 -12.93 18.19
C PHE D 44 -6.22 -12.36 17.01
N GLU D 45 -7.53 -12.56 17.05
CA GLU D 45 -8.50 -11.98 16.13
C GLU D 45 -9.66 -11.48 16.96
N ASP D 46 -10.00 -10.20 16.81
CA ASP D 46 -10.91 -9.52 17.72
C ASP D 46 -12.19 -9.08 17.02
N GLU D 47 -13.17 -8.73 17.85
CA GLU D 47 -14.32 -7.92 17.47
C GLU D 47 -14.41 -6.75 18.45
N LEU D 48 -14.83 -5.59 17.95
CA LEU D 48 -14.89 -4.38 18.75
C LEU D 48 -16.30 -3.79 18.72
N TYR D 49 -16.79 -3.41 19.90
CA TYR D 49 -18.17 -2.96 20.06
C TYR D 49 -18.21 -1.66 20.85
N ASP D 50 -19.07 -0.74 20.41
CA ASP D 50 -19.36 0.45 21.19
C ASP D 50 -20.32 0.11 22.33
N ALA D 51 -20.73 1.13 23.08
CA ALA D 51 -21.58 0.91 24.25
C ALA D 51 -22.98 0.44 23.87
N ASP D 52 -23.39 0.63 22.61
CA ASP D 52 -24.69 0.16 22.15
C ASP D 52 -24.70 -1.33 21.83
N GLY D 53 -23.56 -2.00 21.90
CA GLY D 53 -23.47 -3.38 21.44
C GLY D 53 -23.30 -3.53 19.94
N THR D 54 -23.03 -2.45 19.22
CA THR D 54 -22.87 -2.49 17.77
C THR D 54 -21.40 -2.67 17.43
N GLN D 55 -21.12 -3.60 16.52
CA GLN D 55 -19.73 -3.85 16.13
C GLN D 55 -19.21 -2.71 15.28
N ILE D 56 -18.10 -2.11 15.72
CA ILE D 56 -17.50 -0.98 15.02
C ILE D 56 -16.21 -1.34 14.32
N GLY D 57 -15.65 -2.53 14.55
CA GLY D 57 -14.41 -2.88 13.88
C GLY D 57 -13.94 -4.27 14.23
N THR D 58 -12.82 -4.65 13.61
CA THR D 58 -12.14 -5.92 13.84
C THR D 58 -10.66 -5.63 14.09
N ALA D 59 -9.97 -6.61 14.69
CA ALA D 59 -8.57 -6.44 15.04
C ALA D 59 -7.82 -7.76 14.86
N LYS D 60 -6.51 -7.66 14.71
CA LYS D 60 -5.68 -8.79 14.30
C LYS D 60 -4.22 -8.45 14.58
N GLY D 61 -3.52 -9.32 15.29
CA GLY D 61 -2.13 -9.06 15.57
C GLY D 61 -1.47 -10.23 16.30
N THR D 62 -0.25 -9.97 16.77
CA THR D 62 0.58 -10.97 17.44
C THR D 62 1.36 -10.30 18.57
N SER D 63 1.51 -11.02 19.69
CA SER D 63 2.26 -10.53 20.84
C SER D 63 3.13 -11.64 21.40
N VAL D 64 4.36 -11.29 21.81
CA VAL D 64 5.37 -12.25 22.23
C VAL D 64 6.04 -11.75 23.51
N ILE D 65 6.39 -12.69 24.41
CA ILE D 65 6.95 -12.38 25.72
C ILE D 65 8.47 -12.32 25.63
N PHE D 66 9.07 -11.37 26.34
CA PHE D 66 10.52 -11.23 26.43
C PHE D 66 10.85 -10.42 27.68
N ALA D 67 12.13 -10.06 27.84
CA ALA D 67 12.59 -9.26 28.97
C ALA D 67 13.51 -8.16 28.49
N GLU D 68 13.44 -7.01 29.17
CA GLU D 68 14.27 -5.86 28.83
C GLU D 68 15.67 -6.02 29.42
N ALA D 69 16.48 -4.97 29.24
CA ALA D 69 17.85 -5.00 29.73
C ALA D 69 17.91 -5.07 31.25
N ASP D 70 16.92 -4.52 31.94
CA ASP D 70 16.90 -4.52 33.40
C ASP D 70 16.19 -5.74 33.98
N GLY D 71 15.73 -6.66 33.14
CA GLY D 71 15.15 -7.91 33.60
C GLY D 71 13.64 -7.95 33.72
N THR D 72 12.96 -6.84 33.45
CA THR D 72 11.50 -6.81 33.57
C THR D 72 10.88 -7.62 32.45
N VAL D 73 9.85 -8.40 32.80
CA VAL D 73 9.16 -9.23 31.81
C VAL D 73 8.23 -8.35 31.00
N MET D 74 8.34 -8.45 29.68
CA MET D 74 7.60 -7.60 28.77
C MET D 74 6.87 -8.44 27.73
N GLN D 75 5.92 -7.79 27.06
CA GLN D 75 5.31 -8.31 25.84
C GLN D 75 5.46 -7.27 24.74
N ILE D 76 5.75 -7.75 23.53
CA ILE D 76 5.82 -6.89 22.35
C ILE D 76 4.69 -7.31 21.41
N VAL D 77 3.87 -6.34 21.01
CA VAL D 77 2.74 -6.61 20.17
C VAL D 77 2.87 -5.83 18.87
N SER D 78 2.40 -6.44 17.79
CA SER D 78 2.19 -5.76 16.51
C SER D 78 0.80 -6.13 16.03
N ALA D 79 0.00 -5.12 15.68
CA ALA D 79 -1.39 -5.37 15.36
C ALA D 79 -1.93 -4.22 14.54
N PHE D 80 -3.18 -4.37 14.09
CA PHE D 80 -3.89 -3.32 13.40
C PHE D 80 -5.38 -3.49 13.64
N ASP D 81 -6.13 -2.41 13.40
CA ASP D 81 -7.58 -2.40 13.48
C ASP D 81 -8.14 -2.05 12.11
N ASP D 82 -9.15 -2.80 11.68
CA ASP D 82 -9.94 -2.44 10.50
C ASP D 82 -11.31 -2.02 10.99
N TYR D 83 -11.64 -0.74 10.82
CA TYR D 83 -12.90 -0.20 11.32
C TYR D 83 -13.97 -0.24 10.24
N THR D 84 -15.20 -0.56 10.66
CA THR D 84 -16.27 -0.81 9.71
C THR D 84 -16.68 0.46 8.96
N ASP D 85 -16.45 1.64 9.52
CA ASP D 85 -16.64 2.85 8.72
C ASP D 85 -15.63 2.96 7.58
N GLY D 86 -14.51 2.25 7.67
CA GLY D 86 -13.52 2.24 6.60
C GLY D 86 -12.20 2.82 7.08
N GLY D 87 -11.13 2.10 6.80
CA GLY D 87 -9.81 2.57 7.19
C GLY D 87 -9.17 1.67 8.22
N ARG D 88 -7.83 1.63 8.20
CA ARG D 88 -7.05 0.79 9.07
C ARG D 88 -6.22 1.64 10.04
N VAL D 89 -6.02 1.10 11.24
CA VAL D 89 -5.17 1.73 12.25
C VAL D 89 -4.24 0.67 12.80
N THR D 90 -2.94 0.84 12.60
CA THR D 90 -1.95 -0.06 13.17
C THR D 90 -1.55 0.42 14.56
N TRP D 91 -1.12 -0.51 15.40
CA TRP D 91 -0.58 -0.19 16.70
C TRP D 91 0.41 -1.26 17.12
N SER D 92 1.51 -0.84 17.74
CA SER D 92 2.56 -1.76 18.12
C SER D 92 3.46 -1.10 19.15
N GLY D 93 4.17 -1.94 19.90
CA GLY D 93 5.09 -1.47 20.90
C GLY D 93 5.35 -2.54 21.94
N ALA D 94 6.04 -2.14 23.01
CA ALA D 94 6.36 -3.02 24.12
C ALA D 94 5.76 -2.47 25.40
N TYR D 95 5.29 -3.37 26.26
CA TYR D 95 4.63 -3.00 27.50
C TYR D 95 4.95 -4.04 28.57
N THR D 96 4.99 -3.60 29.83
CA THR D 96 5.28 -4.51 30.93
C THR D 96 4.15 -5.52 31.08
N MET D 97 4.52 -6.76 31.38
CA MET D 97 3.52 -7.83 31.47
C MET D 97 2.76 -7.76 32.79
N PHE D 98 3.44 -7.49 33.89
CA PHE D 98 2.79 -7.52 35.20
C PHE D 98 2.63 -6.11 35.76
N PRO D 99 1.48 -5.80 36.39
CA PRO D 99 0.35 -6.72 36.58
C PRO D 99 -0.46 -6.98 35.31
N THR D 100 -0.98 -8.21 35.20
CA THR D 100 -1.64 -8.63 33.97
C THR D 100 -3.01 -8.00 33.79
N ASP D 101 -3.58 -7.42 34.85
CA ASP D 101 -4.94 -6.92 34.82
C ASP D 101 -5.03 -5.41 34.62
N GLU D 102 -3.91 -4.70 34.61
CA GLU D 102 -3.92 -3.25 34.53
C GLU D 102 -3.98 -2.80 33.07
N PRO D 103 -4.34 -1.54 32.81
CA PRO D 103 -4.37 -1.05 31.43
C PRO D 103 -2.97 -0.92 30.85
N LYS D 104 -2.80 -1.46 29.64
CA LYS D 104 -1.57 -1.34 28.87
C LYS D 104 -1.86 -0.58 27.59
N SER D 105 -0.85 0.12 27.09
CA SER D 105 -1.04 0.94 25.89
C SER D 105 0.26 1.04 25.10
N VAL D 106 0.14 1.02 23.77
CA VAL D 106 1.25 1.17 22.85
C VAL D 106 0.87 2.20 21.79
N PRO D 107 1.82 2.74 21.03
CA PRO D 107 1.47 3.75 20.03
C PRO D 107 0.62 3.20 18.90
N ALA D 108 -0.30 4.02 18.41
CA ALA D 108 -1.15 3.70 17.28
C ALA D 108 -1.01 4.76 16.20
N GLN D 109 -1.26 4.34 14.95
CA GLN D 109 -1.14 5.22 13.80
CA GLN D 109 -1.16 5.24 13.81
C GLN D 109 -2.30 4.97 12.86
N GLY D 110 -2.93 6.05 12.38
CA GLY D 110 -3.95 5.91 11.37
C GLY D 110 -3.32 5.85 9.99
N VAL D 111 -3.84 4.95 9.16
CA VAL D 111 -3.22 4.65 7.87
C VAL D 111 -4.18 4.82 6.70
N SER D 112 -5.49 4.68 6.89
CA SER D 112 -6.43 4.82 5.79
C SER D 112 -7.76 5.34 6.33
N GLY D 113 -8.61 5.81 5.42
CA GLY D 113 -9.91 6.32 5.81
C GLY D 113 -9.80 7.59 6.65
N ARG D 114 -10.80 7.79 7.50
CA ARG D 114 -10.85 8.96 8.37
C ARG D 114 -9.69 9.02 9.35
N TYR D 115 -8.91 7.95 9.48
CA TYR D 115 -7.82 7.89 10.44
C TYR D 115 -6.46 8.25 9.86
N ARG D 116 -6.34 8.31 8.54
CA ARG D 116 -5.04 8.50 7.91
C ARG D 116 -4.37 9.78 8.40
N GLY D 117 -3.06 9.68 8.69
CA GLY D 117 -2.30 10.82 9.12
C GLY D 117 -2.43 11.18 10.58
N LEU D 118 -3.26 10.46 11.33
CA LEU D 118 -3.45 10.71 12.76
C LEU D 118 -2.66 9.69 13.57
N SER D 119 -2.08 10.16 14.67
CA SER D 119 -1.24 9.33 15.52
CA SER D 119 -1.23 9.33 15.53
C SER D 119 -1.72 9.43 16.96
N GLY D 120 -1.34 8.44 17.77
CA GLY D 120 -1.76 8.44 19.16
C GLY D 120 -1.45 7.18 19.96
N THR D 121 -2.49 6.62 20.59
CA THR D 121 -2.31 5.56 21.58
C THR D 121 -3.46 4.57 21.49
N ARG D 122 -3.14 3.29 21.64
CA ARG D 122 -4.11 2.21 21.74
C ARG D 122 -3.94 1.53 23.09
N THR D 123 -5.01 1.49 23.88
CA THR D 123 -4.96 0.98 25.25
C THR D 123 -5.81 -0.28 25.38
N LEU D 124 -5.28 -1.26 26.10
CA LEU D 124 -5.96 -2.52 26.36
C LEU D 124 -5.91 -2.83 27.85
N GLN D 125 -7.03 -3.28 28.41
CA GLN D 125 -7.08 -3.72 29.80
C GLN D 125 -7.91 -4.99 29.91
N LEU D 126 -7.27 -6.07 30.36
CA LEU D 126 -7.95 -7.35 30.50
C LEU D 126 -9.02 -7.25 31.59
N LEU D 127 -10.27 -7.57 31.23
CA LEU D 127 -11.34 -7.63 32.20
C LEU D 127 -11.47 -9.04 32.78
N GLU D 128 -11.71 -10.03 31.93
CA GLU D 128 -11.80 -11.40 32.37
C GLU D 128 -11.27 -12.33 31.29
N ARG D 129 -10.72 -13.47 31.73
CA ARG D 129 -10.18 -14.50 30.85
C ARG D 129 -10.96 -15.78 31.13
N PRO D 130 -12.16 -15.93 30.55
CA PRO D 130 -13.03 -17.04 30.93
C PRO D 130 -12.53 -18.41 30.48
N ASP D 131 -11.67 -18.48 29.48
CA ASP D 131 -11.20 -19.76 28.94
C ASP D 131 -9.92 -19.50 28.16
N PRO D 132 -9.16 -20.55 27.83
CA PRO D 132 -7.88 -20.33 27.14
C PRO D 132 -8.02 -19.71 25.75
N GLY D 133 -9.20 -19.77 25.14
CA GLY D 133 -9.40 -19.26 23.79
C GLY D 133 -10.16 -17.97 23.68
N THR D 134 -10.51 -17.31 24.78
CA THR D 134 -11.29 -16.08 24.73
C THR D 134 -10.89 -15.18 25.90
N SER D 135 -10.65 -13.89 25.59
CA SER D 135 -10.44 -12.84 26.57
C SER D 135 -11.36 -11.68 26.24
N LEU D 136 -11.94 -11.07 27.27
CA LEU D 136 -12.78 -9.89 27.10
C LEU D 136 -12.03 -8.69 27.65
N ILE D 137 -11.84 -7.68 26.80
CA ILE D 137 -10.99 -6.52 27.10
C ILE D 137 -11.81 -5.25 26.92
N ARG D 138 -11.62 -4.29 27.81
CA ARG D 138 -12.17 -2.96 27.59
C ARG D 138 -11.04 -2.04 27.15
N SER D 139 -11.21 -1.40 26.00
CA SER D 139 -10.11 -0.76 25.30
C SER D 139 -10.50 0.67 24.92
N SER D 140 -9.53 1.38 24.33
CA SER D 140 -9.73 2.74 23.89
C SER D 140 -8.69 3.08 22.85
N LEU D 141 -8.95 4.15 22.09
CA LEU D 141 -8.04 4.63 21.07
C LEU D 141 -8.15 6.14 21.00
N VAL D 142 -7.01 6.83 20.99
CA VAL D 142 -6.96 8.25 20.75
C VAL D 142 -5.98 8.50 19.61
N LEU D 143 -6.41 9.31 18.64
CA LEU D 143 -5.56 9.70 17.51
C LEU D 143 -5.76 11.18 17.29
N ASN D 144 -4.67 11.92 17.09
CA ASN D 144 -4.78 13.34 16.84
C ASN D 144 -3.68 13.78 15.89
N GLY D 145 -3.77 15.04 15.46
CA GLY D 145 -2.91 15.61 14.45
C GLY D 145 -3.64 16.70 13.69
#